data_1AV5
#
_entry.id   1AV5
#
_cell.length_a   46.200
_cell.length_b   77.800
_cell.length_c   80.800
_cell.angle_alpha   90.00
_cell.angle_beta   90.00
_cell.angle_gamma   90.00
#
_symmetry.space_group_name_H-M   'P 21 21 21'
#
loop_
_entity.id
_entity.type
_entity.pdbx_description
1 polymer 'PROTEIN KINASE C INTERACTING PROTEIN'
2 non-polymer 'PHOSPHOMETHYLPHOSPHONIC ACID ADENOSYL ESTER'
3 water water
#
_entity_poly.entity_id   1
_entity_poly.type   'polypeptide(L)'
_entity_poly.pdbx_seq_one_letter_code
;(ACE)ADEIAKAQVARPGGDTIFGKIIRKEIPAKIIFEDDRCLAFHDISPQAPTHFLVIPKKHISQISVAEDDDESLLGH
LMIVGKKCAADLGLNKGYRMVVNEGSDGGQSVYHVHLHVLGGRQMHWPPG
;
_entity_poly.pdbx_strand_id   A,B
#
# COMPACT_ATOMS: atom_id res chain seq x y z
N GLY A 14 19.38 8.74 -6.60
CA GLY A 14 18.49 9.17 -5.42
C GLY A 14 18.56 8.37 -4.11
N GLY A 15 19.76 8.30 -3.53
CA GLY A 15 19.96 7.56 -2.30
C GLY A 15 21.19 6.66 -2.28
N ASP A 16 21.54 6.19 -1.08
CA ASP A 16 22.68 5.33 -0.89
C ASP A 16 22.35 3.84 -0.75
N THR A 17 21.33 3.39 -1.49
CA THR A 17 20.92 1.98 -1.50
C THR A 17 20.99 1.47 -2.94
N ILE A 18 20.82 0.17 -3.11
CA ILE A 18 20.82 -0.43 -4.44
C ILE A 18 19.68 0.14 -5.34
N PHE A 19 18.63 0.70 -4.74
CA PHE A 19 17.55 1.25 -5.55
C PHE A 19 17.99 2.53 -6.22
N GLY A 20 18.92 3.21 -5.56
CA GLY A 20 19.51 4.42 -6.08
C GLY A 20 20.37 4.09 -7.26
N LYS A 21 21.20 3.07 -7.15
CA LYS A 21 22.04 2.70 -8.29
C LYS A 21 21.19 2.36 -9.54
N ILE A 22 20.04 1.73 -9.29
CA ILE A 22 19.11 1.33 -10.32
C ILE A 22 18.49 2.61 -10.96
N ILE A 23 18.11 3.59 -10.12
CA ILE A 23 17.52 4.88 -10.57
C ILE A 23 18.54 5.67 -11.42
N ARG A 24 19.79 5.62 -10.98
CA ARG A 24 20.88 6.27 -11.65
C ARG A 24 21.37 5.51 -12.88
N LYS A 25 20.73 4.38 -13.15
CA LYS A 25 21.06 3.52 -14.27
C LYS A 25 22.47 2.88 -14.13
N GLU A 26 23.02 2.97 -12.92
CA GLU A 26 24.33 2.45 -12.59
C GLU A 26 24.39 0.95 -12.70
N ILE A 27 23.26 0.29 -12.42
CA ILE A 27 23.11 -1.13 -12.60
C ILE A 27 21.76 -1.35 -13.27
N PRO A 28 21.57 -2.50 -13.90
CA PRO A 28 20.33 -2.86 -14.59
C PRO A 28 19.16 -3.46 -13.77
N ALA A 29 17.96 -3.20 -14.26
CA ALA A 29 16.75 -3.68 -13.71
C ALA A 29 15.81 -3.74 -14.89
N LYS A 30 14.92 -4.72 -14.88
CA LYS A 30 13.93 -4.81 -15.96
C LYS A 30 12.93 -3.61 -15.72
N ILE A 31 13.29 -2.47 -16.29
CA ILE A 31 12.48 -1.29 -16.15
C ILE A 31 11.15 -1.38 -16.86
N ILE A 32 10.08 -1.20 -16.08
CA ILE A 32 8.73 -1.23 -16.61
C ILE A 32 8.18 0.17 -16.98
N PHE A 33 8.25 1.10 -16.04
CA PHE A 33 7.76 2.42 -16.33
C PHE A 33 8.65 3.40 -15.63
N GLU A 34 8.68 4.60 -16.20
CA GLU A 34 9.47 5.68 -15.65
C GLU A 34 8.79 6.99 -16.02
N ASP A 35 8.84 7.95 -15.09
CA ASP A 35 8.39 9.33 -15.35
C ASP A 35 9.39 10.20 -14.62
N ASP A 36 9.10 11.47 -14.41
CA ASP A 36 10.05 12.35 -13.71
C ASP A 36 10.19 12.18 -12.15
N ARG A 37 9.24 11.52 -11.51
CA ARG A 37 9.30 11.36 -10.09
C ARG A 37 9.33 9.92 -9.55
N CYS A 38 9.33 8.91 -10.45
CA CYS A 38 9.36 7.49 -10.03
C CYS A 38 9.91 6.58 -11.10
N LEU A 39 9.97 5.30 -10.74
CA LEU A 39 10.42 4.22 -11.62
C LEU A 39 9.80 2.87 -11.18
N ALA A 40 9.19 2.19 -12.12
CA ALA A 40 8.62 0.89 -11.83
C ALA A 40 9.55 -0.12 -12.55
N PHE A 41 9.87 -1.22 -11.86
CA PHE A 41 10.72 -2.29 -12.42
C PHE A 41 10.32 -3.60 -11.77
N HIS A 42 10.60 -4.72 -12.44
CA HIS A 42 10.26 -6.07 -11.91
C HIS A 42 11.17 -6.45 -10.80
N ASP A 43 10.64 -7.11 -9.80
CA ASP A 43 11.49 -7.53 -8.69
C ASP A 43 12.47 -8.64 -9.13
N ILE A 44 13.74 -8.45 -8.80
CA ILE A 44 14.78 -9.39 -9.08
C ILE A 44 14.56 -10.77 -8.44
N SER A 45 13.66 -10.86 -7.45
CA SER A 45 13.32 -12.09 -6.75
C SER A 45 11.80 -12.05 -6.51
N PRO A 46 11.03 -12.39 -7.54
CA PRO A 46 9.58 -12.38 -7.47
C PRO A 46 8.90 -13.46 -6.57
N GLN A 47 7.80 -13.07 -5.93
CA GLN A 47 7.04 -13.94 -5.03
C GLN A 47 5.67 -14.24 -5.61
N ALA A 48 5.55 -13.91 -6.88
CA ALA A 48 4.35 -14.10 -7.64
C ALA A 48 4.84 -13.98 -9.09
N PRO A 49 4.07 -14.54 -10.05
CA PRO A 49 4.27 -14.58 -11.51
C PRO A 49 4.57 -13.17 -12.00
N THR A 50 3.81 -12.24 -11.44
CA THR A 50 4.03 -10.84 -11.69
C THR A 50 4.40 -10.19 -10.32
N HIS A 51 5.57 -9.61 -10.25
CA HIS A 51 6.01 -8.95 -9.06
C HIS A 51 6.91 -7.82 -9.47
N PHE A 52 6.39 -6.61 -9.31
CA PHE A 52 7.18 -5.42 -9.64
C PHE A 52 7.20 -4.37 -8.53
N LEU A 53 8.11 -3.44 -8.65
CA LEU A 53 8.22 -2.41 -7.65
C LEU A 53 7.92 -1.00 -8.23
N VAL A 54 7.35 -0.12 -7.41
CA VAL A 54 7.18 1.28 -7.85
C VAL A 54 7.88 2.10 -6.77
N ILE A 55 8.95 2.76 -7.15
CA ILE A 55 9.68 3.55 -6.22
C ILE A 55 9.77 5.02 -6.66
N PRO A 56 9.96 5.89 -5.70
CA PRO A 56 10.06 7.31 -6.04
C PRO A 56 11.51 7.60 -6.15
N LYS A 57 11.82 8.67 -6.89
CA LYS A 57 13.18 9.10 -7.06
C LYS A 57 13.61 9.94 -5.88
N LYS A 58 12.68 10.54 -5.13
CA LYS A 58 13.08 11.32 -3.92
C LYS A 58 13.47 10.27 -2.85
N HIS A 59 14.63 10.44 -2.26
CA HIS A 59 15.07 9.48 -1.30
C HIS A 59 14.33 9.53 0.04
N ILE A 60 13.23 8.80 0.11
CA ILE A 60 12.51 8.61 1.38
C ILE A 60 12.94 7.18 1.83
N SER A 61 13.62 7.07 2.96
CA SER A 61 14.13 5.78 3.43
C SER A 61 13.10 4.72 3.85
N GLN A 62 12.03 5.15 4.52
CA GLN A 62 10.94 4.28 4.99
C GLN A 62 9.72 5.20 5.10
N ILE A 63 8.53 4.64 4.88
CA ILE A 63 7.25 5.33 4.91
C ILE A 63 6.94 6.13 6.19
N SER A 64 7.46 5.64 7.31
CA SER A 64 7.20 6.25 8.60
C SER A 64 7.96 7.56 8.66
N VAL A 65 8.86 7.77 7.73
CA VAL A 65 9.69 8.98 7.70
C VAL A 65 9.18 10.05 6.66
N ALA A 66 8.14 9.64 5.90
CA ALA A 66 7.50 10.45 4.86
C ALA A 66 6.77 11.63 5.51
N GLU A 67 6.76 12.76 4.80
CA GLU A 67 6.14 14.00 5.26
C GLU A 67 4.77 14.10 4.64
N ASP A 68 3.92 14.97 5.24
CA ASP A 68 2.52 15.23 4.79
C ASP A 68 2.55 15.78 3.37
N ASP A 69 3.72 16.34 3.08
CA ASP A 69 4.09 16.94 1.84
C ASP A 69 4.57 15.92 0.81
N ASP A 70 4.47 14.62 1.11
CA ASP A 70 4.85 13.56 0.17
C ASP A 70 3.58 12.79 -0.20
N GLU A 71 2.44 13.29 0.32
CA GLU A 71 1.14 12.70 0.07
C GLU A 71 0.78 12.45 -1.41
N SER A 72 1.02 13.44 -2.29
CA SER A 72 0.65 13.26 -3.71
C SER A 72 1.60 12.31 -4.39
N LEU A 73 2.86 12.41 -4.00
CA LEU A 73 3.91 11.58 -4.50
C LEU A 73 3.62 10.09 -4.14
N LEU A 74 3.21 9.89 -2.89
CA LEU A 74 2.89 8.58 -2.38
C LEU A 74 1.67 8.07 -3.09
N GLY A 75 0.70 8.95 -3.32
CA GLY A 75 -0.48 8.56 -4.09
C GLY A 75 -0.12 8.28 -5.58
N HIS A 76 0.88 8.99 -6.10
CA HIS A 76 1.33 8.80 -7.48
C HIS A 76 1.84 7.36 -7.63
N LEU A 77 2.76 6.94 -6.74
CA LEU A 77 3.29 5.57 -6.70
C LEU A 77 2.21 4.48 -6.87
N MET A 78 1.05 4.71 -6.28
CA MET A 78 -0.06 3.81 -6.37
C MET A 78 -0.77 3.96 -7.65
N ILE A 79 -0.90 5.20 -8.08
CA ILE A 79 -1.58 5.44 -9.31
C ILE A 79 -0.81 4.68 -10.37
N VAL A 80 0.50 4.94 -10.39
CA VAL A 80 1.41 4.28 -11.31
C VAL A 80 1.32 2.79 -11.12
N GLY A 81 1.12 2.37 -9.86
CA GLY A 81 0.99 0.96 -9.55
C GLY A 81 -0.17 0.25 -10.20
N LYS A 82 -1.34 0.86 -10.22
CA LYS A 82 -2.48 0.18 -10.80
C LYS A 82 -2.47 0.16 -12.34
N LYS A 83 -1.78 1.15 -12.91
CA LYS A 83 -1.62 1.35 -14.35
C LYS A 83 -0.70 0.28 -14.95
N CYS A 84 0.49 0.18 -14.36
CA CYS A 84 1.44 -0.76 -14.79
C CYS A 84 0.86 -2.16 -14.58
N ALA A 85 0.02 -2.37 -13.58
CA ALA A 85 -0.55 -3.70 -13.35
C ALA A 85 -1.47 -4.05 -14.47
N ALA A 86 -2.24 -3.06 -14.91
CA ALA A 86 -3.18 -3.30 -16.01
C ALA A 86 -2.42 -3.69 -17.25
N ASP A 87 -1.34 -3.01 -17.53
CA ASP A 87 -0.47 -3.27 -18.66
C ASP A 87 0.41 -4.53 -18.68
N LEU A 88 0.26 -5.34 -17.63
CA LEU A 88 0.99 -6.60 -17.43
C LEU A 88 -0.05 -7.74 -17.40
N GLY A 89 -1.25 -7.47 -17.94
CA GLY A 89 -2.32 -8.42 -18.02
C GLY A 89 -2.86 -8.92 -16.69
N LEU A 90 -2.71 -8.15 -15.61
CA LEU A 90 -3.20 -8.59 -14.32
C LEU A 90 -4.60 -8.08 -14.12
N ASN A 91 -5.52 -8.75 -14.79
CA ASN A 91 -6.93 -8.42 -14.75
C ASN A 91 -7.68 -9.16 -13.63
N LYS A 92 -7.11 -10.22 -13.09
CA LYS A 92 -7.85 -10.94 -12.06
C LYS A 92 -7.64 -10.47 -10.62
N GLY A 93 -6.83 -9.43 -10.41
CA GLY A 93 -6.58 -8.95 -9.06
C GLY A 93 -5.10 -8.96 -8.75
N TYR A 94 -4.74 -8.38 -7.62
CA TYR A 94 -3.35 -8.28 -7.21
C TYR A 94 -3.22 -7.66 -5.81
N ARG A 95 -2.03 -7.69 -5.25
CA ARG A 95 -1.89 -7.15 -3.96
C ARG A 95 -0.80 -6.15 -3.98
N MET A 96 -1.01 -5.03 -3.27
CA MET A 96 -0.01 -3.95 -3.11
C MET A 96 0.48 -3.93 -1.65
N VAL A 97 1.79 -3.78 -1.47
CA VAL A 97 2.37 -3.83 -0.14
C VAL A 97 3.47 -2.82 0.08
N VAL A 98 3.43 -2.12 1.24
CA VAL A 98 4.51 -1.20 1.65
C VAL A 98 4.88 -1.80 3.00
N ASN A 99 6.18 -1.96 3.20
CA ASN A 99 6.71 -2.53 4.45
C ASN A 99 7.43 -1.41 5.20
N GLU A 100 7.29 -1.38 6.52
CA GLU A 100 8.01 -0.40 7.34
C GLU A 100 8.92 -1.15 8.32
N GLY A 101 10.23 -0.89 8.23
CA GLY A 101 11.21 -1.49 9.14
C GLY A 101 11.41 -3.01 9.32
N SER A 102 11.85 -3.41 10.51
CA SER A 102 12.10 -4.81 10.81
C SER A 102 10.87 -5.70 10.85
N ASP A 103 9.94 -5.36 11.75
CA ASP A 103 8.74 -6.15 11.94
C ASP A 103 8.07 -6.27 10.65
N GLY A 104 8.06 -5.17 9.93
CA GLY A 104 7.44 -5.19 8.63
C GLY A 104 8.12 -5.97 7.52
N GLY A 105 9.41 -6.27 7.66
CA GLY A 105 10.18 -7.01 6.64
C GLY A 105 10.84 -6.26 5.49
N GLN A 106 11.03 -4.96 5.66
CA GLN A 106 11.63 -4.11 4.67
C GLN A 106 13.04 -4.57 4.27
N SER A 107 13.34 -4.76 3.00
CA SER A 107 14.70 -5.21 2.64
C SER A 107 15.57 -4.06 2.28
N VAL A 108 14.99 -3.03 1.69
CA VAL A 108 15.76 -1.84 1.25
C VAL A 108 15.17 -0.56 1.83
N TYR A 109 16.06 0.22 2.41
CA TYR A 109 15.69 1.48 3.03
C TYR A 109 15.61 2.72 2.05
N HIS A 110 14.60 2.65 1.19
CA HIS A 110 14.27 3.65 0.18
C HIS A 110 12.86 3.12 0.09
N VAL A 111 11.84 3.91 0.38
CA VAL A 111 10.48 3.39 0.32
C VAL A 111 10.06 2.88 -1.04
N HIS A 112 9.18 1.91 -1.02
CA HIS A 112 8.73 1.35 -2.29
C HIS A 112 7.51 0.52 -2.09
N LEU A 113 6.79 0.41 -3.20
CA LEU A 113 5.55 -0.33 -3.30
C LEU A 113 5.82 -1.57 -4.13
N HIS A 114 5.31 -2.69 -3.61
CA HIS A 114 5.37 -4.03 -4.19
C HIS A 114 4.01 -4.24 -4.77
N VAL A 115 3.94 -4.79 -5.98
CA VAL A 115 2.68 -5.15 -6.62
C VAL A 115 2.92 -6.59 -7.09
N LEU A 116 2.09 -7.50 -6.60
CA LEU A 116 2.20 -8.92 -6.88
C LEU A 116 0.89 -9.41 -7.39
N GLY A 117 0.97 -10.18 -8.47
CA GLY A 117 -0.18 -10.80 -9.09
C GLY A 117 0.19 -12.10 -9.80
N GLY A 118 -0.79 -12.65 -10.47
CA GLY A 118 -0.58 -13.87 -11.21
C GLY A 118 -0.81 -15.18 -10.50
N ARG A 119 -1.43 -15.18 -9.33
CA ARG A 119 -1.78 -16.37 -8.52
C ARG A 119 -2.63 -15.84 -7.39
N GLN A 120 -3.17 -16.73 -6.57
CA GLN A 120 -3.97 -16.32 -5.43
C GLN A 120 -3.02 -15.81 -4.36
N MET A 121 -3.31 -14.62 -3.84
CA MET A 121 -2.52 -14.03 -2.77
C MET A 121 -3.28 -14.54 -1.58
N HIS A 122 -2.60 -14.81 -0.46
CA HIS A 122 -3.28 -15.40 0.70
C HIS A 122 -3.40 -14.49 1.92
N TRP A 123 -4.28 -14.90 2.83
CA TRP A 123 -4.56 -14.17 4.05
C TRP A 123 -4.22 -15.09 5.22
N PRO A 124 -3.44 -14.63 6.21
CA PRO A 124 -2.82 -13.32 6.36
C PRO A 124 -1.78 -12.99 5.26
N PRO A 125 -1.43 -11.68 5.12
CA PRO A 125 -0.46 -11.14 4.16
C PRO A 125 0.98 -11.31 4.68
N GLY A 126 1.30 -12.50 5.12
CA GLY A 126 2.62 -12.74 5.67
C GLY A 126 2.41 -12.78 7.16
N GLY B 14 -19.36 7.31 2.21
CA GLY B 14 -20.70 6.80 1.82
C GLY B 14 -20.52 5.48 1.10
N GLY B 15 -21.61 4.72 1.01
CA GLY B 15 -21.56 3.42 0.34
C GLY B 15 -22.69 2.44 0.63
N ASP B 16 -22.68 1.34 -0.11
CA ASP B 16 -23.66 0.25 0.00
C ASP B 16 -23.04 -0.78 0.95
N THR B 17 -21.73 -0.88 0.88
CA THR B 17 -20.93 -1.83 1.64
C THR B 17 -20.95 -1.65 3.15
N ILE B 18 -20.27 -2.57 3.85
CA ILE B 18 -20.15 -2.56 5.30
C ILE B 18 -19.46 -1.25 5.70
N PHE B 19 -18.52 -0.86 4.85
CA PHE B 19 -17.72 0.33 5.07
C PHE B 19 -18.45 1.62 4.78
N GLY B 20 -19.56 1.51 4.05
CA GLY B 20 -20.40 2.65 3.74
C GLY B 20 -21.24 2.84 5.00
N LYS B 21 -21.62 1.72 5.62
CA LYS B 21 -22.41 1.64 6.86
C LYS B 21 -21.67 2.23 8.06
N ILE B 22 -20.35 2.01 8.07
CA ILE B 22 -19.45 2.53 9.11
C ILE B 22 -19.18 4.05 8.89
N ILE B 23 -19.05 4.49 7.62
CA ILE B 23 -18.82 5.91 7.33
C ILE B 23 -20.06 6.68 7.77
N ARG B 24 -21.19 6.01 7.69
CA ARG B 24 -22.46 6.60 8.09
C ARG B 24 -22.93 6.17 9.51
N LYS B 25 -21.99 5.84 10.39
CA LYS B 25 -22.22 5.40 11.80
C LYS B 25 -23.36 4.43 12.15
N GLU B 26 -23.86 3.65 11.17
CA GLU B 26 -24.94 2.69 11.44
C GLU B 26 -24.43 1.70 12.48
N ILE B 27 -23.28 1.15 12.19
CA ILE B 27 -22.63 0.18 13.07
C ILE B 27 -21.40 0.91 13.61
N PRO B 28 -21.05 0.72 14.90
CA PRO B 28 -19.87 1.42 15.42
C PRO B 28 -18.55 0.81 14.94
N ALA B 29 -17.46 1.37 15.43
CA ALA B 29 -16.11 0.93 15.09
C ALA B 29 -15.21 1.62 16.09
N LYS B 30 -14.14 0.97 16.53
CA LYS B 30 -13.26 1.62 17.46
C LYS B 30 -12.39 2.52 16.60
N ILE B 31 -12.93 3.72 16.37
CA ILE B 31 -12.29 4.73 15.53
C ILE B 31 -10.99 5.24 16.09
N ILE B 32 -9.91 5.02 15.34
CA ILE B 32 -8.60 5.51 15.74
C ILE B 32 -8.44 6.95 15.28
N PHE B 33 -9.00 7.26 14.10
CA PHE B 33 -8.90 8.58 13.51
C PHE B 33 -9.94 8.84 12.48
N GLU B 34 -10.23 10.13 12.31
CA GLU B 34 -11.20 10.59 11.32
C GLU B 34 -10.88 12.00 10.87
N ASP B 35 -11.37 12.30 9.67
CA ASP B 35 -11.22 13.61 9.11
C ASP B 35 -12.23 13.70 8.02
N ASP B 36 -12.20 14.82 7.30
CA ASP B 36 -13.10 15.11 6.18
C ASP B 36 -13.01 14.11 5.02
N ARG B 37 -11.82 13.52 4.89
CA ARG B 37 -11.45 12.61 3.80
C ARG B 37 -11.40 11.10 4.04
N CYS B 38 -11.10 10.70 5.26
CA CYS B 38 -10.90 9.29 5.57
C CYS B 38 -11.28 8.89 6.99
N LEU B 39 -11.22 7.58 7.23
CA LEU B 39 -11.57 7.01 8.49
C LEU B 39 -10.67 5.82 8.80
N ALA B 40 -10.10 5.77 10.02
CA ALA B 40 -9.26 4.65 10.45
C ALA B 40 -9.93 3.96 11.64
N PHE B 41 -10.07 2.64 11.52
CA PHE B 41 -10.71 1.84 12.55
C PHE B 41 -10.05 0.49 12.65
N HIS B 42 -10.10 -0.13 13.84
CA HIS B 42 -9.51 -1.46 14.07
C HIS B 42 -10.25 -2.52 13.27
N ASP B 43 -9.52 -3.54 12.92
CA ASP B 43 -10.11 -4.61 12.16
C ASP B 43 -10.69 -5.64 13.12
N ILE B 44 -11.91 -6.07 12.82
CA ILE B 44 -12.63 -7.07 13.61
C ILE B 44 -12.11 -8.50 13.41
N SER B 45 -11.21 -8.70 12.45
CA SER B 45 -10.60 -10.00 12.15
C SER B 45 -9.15 -9.70 11.95
N PRO B 46 -8.52 -9.31 13.04
CA PRO B 46 -7.12 -8.94 13.20
C PRO B 46 -6.15 -10.06 12.79
N GLN B 47 -5.20 -9.76 11.89
CA GLN B 47 -4.25 -10.75 11.42
C GLN B 47 -2.88 -10.65 12.05
N ALA B 48 -2.72 -9.65 12.91
CA ALA B 48 -1.51 -9.38 13.68
C ALA B 48 -2.00 -8.73 14.96
N PRO B 49 -1.13 -8.57 15.96
CA PRO B 49 -1.60 -7.92 17.19
C PRO B 49 -2.23 -6.56 16.86
N THR B 50 -1.52 -5.68 16.19
CA THR B 50 -2.16 -4.44 15.81
C THR B 50 -2.53 -4.49 14.29
N HIS B 51 -3.81 -4.59 14.00
CA HIS B 51 -4.27 -4.65 12.64
C HIS B 51 -5.49 -3.71 12.47
N PHE B 52 -5.27 -2.61 11.72
CA PHE B 52 -6.29 -1.57 11.45
C PHE B 52 -6.45 -1.25 9.95
N LEU B 53 -7.57 -0.66 9.57
CA LEU B 53 -7.87 -0.30 8.18
C LEU B 53 -8.08 1.19 8.04
N VAL B 54 -7.75 1.73 6.87
CA VAL B 54 -7.95 3.14 6.59
C VAL B 54 -8.68 3.19 5.25
N ILE B 55 -9.91 3.68 5.29
CA ILE B 55 -10.77 3.80 4.10
C ILE B 55 -11.09 5.26 3.80
N PRO B 56 -11.28 5.63 2.52
CA PRO B 56 -11.60 7.03 2.24
C PRO B 56 -13.13 7.13 2.39
N LYS B 57 -13.61 8.34 2.67
CA LYS B 57 -15.04 8.53 2.87
C LYS B 57 -15.81 8.49 1.57
N LYS B 58 -15.17 8.89 0.47
CA LYS B 58 -15.84 8.82 -0.83
C LYS B 58 -15.72 7.40 -1.39
N HIS B 59 -16.79 6.93 -2.03
CA HIS B 59 -16.78 5.56 -2.52
C HIS B 59 -16.04 5.20 -3.78
N ILE B 60 -14.88 4.58 -3.59
CA ILE B 60 -14.10 4.02 -4.69
C ILE B 60 -14.14 2.55 -4.19
N SER B 61 -14.58 1.60 -5.03
CA SER B 61 -14.73 0.21 -4.64
C SER B 61 -13.46 -0.63 -4.69
N GLN B 62 -12.66 -0.36 -5.71
CA GLN B 62 -11.39 -1.04 -5.92
C GLN B 62 -10.42 -0.04 -6.54
N ILE B 63 -9.12 -0.30 -6.32
CA ILE B 63 -8.01 0.53 -6.79
C ILE B 63 -7.85 0.67 -8.31
N SER B 64 -8.37 -0.28 -9.09
CA SER B 64 -8.24 -0.16 -10.54
C SER B 64 -9.27 0.82 -11.16
N VAL B 65 -10.36 1.10 -10.44
CA VAL B 65 -11.38 2.05 -10.90
C VAL B 65 -11.06 3.53 -10.50
N ALA B 66 -9.98 3.69 -9.70
CA ALA B 66 -9.49 4.99 -9.20
C ALA B 66 -8.85 5.87 -10.31
N GLU B 67 -9.22 7.13 -10.26
CA GLU B 67 -8.74 8.11 -11.23
C GLU B 67 -7.45 8.69 -10.71
N ASP B 68 -6.77 9.40 -11.58
CA ASP B 68 -5.51 10.03 -11.22
C ASP B 68 -5.81 11.16 -10.20
N ASP B 69 -7.09 11.56 -10.17
CA ASP B 69 -7.66 12.62 -9.30
C ASP B 69 -7.65 12.23 -7.82
N ASP B 70 -7.75 10.93 -7.57
CA ASP B 70 -7.80 10.41 -6.21
C ASP B 70 -6.40 10.16 -5.64
N GLU B 71 -5.40 10.68 -6.33
CA GLU B 71 -4.00 10.51 -5.98
C GLU B 71 -3.57 11.03 -4.62
N SER B 72 -4.00 12.23 -4.31
CA SER B 72 -3.61 12.80 -3.04
C SER B 72 -4.39 12.19 -1.91
N LEU B 73 -5.62 11.74 -2.18
CA LEU B 73 -6.50 11.09 -1.20
C LEU B 73 -5.92 9.68 -0.84
N LEU B 74 -5.34 9.01 -1.85
CA LEU B 74 -4.66 7.73 -1.67
C LEU B 74 -3.35 7.98 -0.92
N GLY B 75 -2.57 8.98 -1.31
CA GLY B 75 -1.35 9.29 -0.56
C GLY B 75 -1.72 9.64 0.90
N HIS B 76 -2.90 10.24 1.09
CA HIS B 76 -3.40 10.63 2.40
C HIS B 76 -3.71 9.39 3.24
N LEU B 77 -4.38 8.38 2.68
CA LEU B 77 -4.62 7.15 3.47
C LEU B 77 -3.29 6.65 3.95
N MET B 78 -2.27 6.69 3.08
CA MET B 78 -0.95 6.24 3.50
C MET B 78 -0.38 7.13 4.57
N ILE B 79 -0.49 8.45 4.41
CA ILE B 79 0.07 9.32 5.42
C ILE B 79 -0.59 9.07 6.79
N VAL B 80 -1.91 8.85 6.80
CA VAL B 80 -2.70 8.59 8.02
C VAL B 80 -2.38 7.20 8.56
N GLY B 81 -2.13 6.27 7.64
CA GLY B 81 -1.74 4.93 8.00
C GLY B 81 -0.48 5.06 8.86
N LYS B 82 0.57 5.69 8.35
CA LYS B 82 1.78 5.83 9.11
C LYS B 82 1.58 6.56 10.43
N LYS B 83 0.68 7.54 10.43
CA LYS B 83 0.42 8.33 11.60
C LYS B 83 -0.14 7.43 12.72
N CYS B 84 -1.19 6.68 12.37
CA CYS B 84 -1.88 5.79 13.29
C CYS B 84 -1.01 4.67 13.81
N ALA B 85 -0.23 4.01 12.94
CA ALA B 85 0.68 2.95 13.33
C ALA B 85 1.59 3.51 14.41
N ALA B 86 2.09 4.72 14.17
CA ALA B 86 2.98 5.47 15.08
C ALA B 86 2.26 5.88 16.35
N ASP B 87 0.97 6.17 16.21
CA ASP B 87 0.22 6.59 17.34
C ASP B 87 -0.25 5.42 18.18
N LEU B 88 -0.28 4.26 17.53
CA LEU B 88 -0.64 3.02 18.20
C LEU B 88 0.66 2.36 18.57
N GLY B 89 1.74 3.15 18.52
CA GLY B 89 3.06 2.70 18.89
C GLY B 89 3.72 1.54 18.15
N LEU B 90 3.46 1.35 16.86
CA LEU B 90 4.10 0.25 16.15
C LEU B 90 5.52 0.58 15.73
N ASN B 91 6.30 1.03 16.69
CA ASN B 91 7.69 1.41 16.48
C ASN B 91 8.70 0.37 15.89
N LYS B 92 8.42 -0.94 15.96
CA LYS B 92 9.34 -1.99 15.43
C LYS B 92 9.11 -2.30 13.95
N GLY B 93 8.00 -1.78 13.43
CA GLY B 93 7.67 -1.95 12.04
C GLY B 93 6.21 -2.25 11.91
N TYR B 94 5.80 -2.36 10.65
CA TYR B 94 4.43 -2.65 10.30
C TYR B 94 4.32 -2.88 8.79
N ARG B 95 3.15 -3.29 8.34
CA ARG B 95 2.97 -3.50 6.93
C ARG B 95 1.60 -3.02 6.50
N MET B 96 1.59 -2.36 5.34
CA MET B 96 0.36 -1.80 4.72
C MET B 96 0.16 -2.65 3.48
N VAL B 97 -1.08 -3.06 3.27
CA VAL B 97 -1.45 -3.96 2.17
C VAL B 97 -2.74 -3.45 1.59
N VAL B 98 -2.86 -3.35 0.26
CA VAL B 98 -4.12 -2.95 -0.35
C VAL B 98 -4.42 -4.13 -1.18
N ASN B 99 -5.66 -4.58 -1.15
CA ASN B 99 -6.11 -5.77 -1.89
C ASN B 99 -6.84 -5.43 -3.18
N GLU B 100 -6.47 -6.00 -4.33
CA GLU B 100 -7.24 -5.67 -5.54
C GLU B 100 -7.97 -6.84 -6.14
N GLY B 101 -9.27 -6.64 -6.35
CA GLY B 101 -10.10 -7.65 -6.98
C GLY B 101 -9.92 -9.08 -6.49
N SER B 102 -10.29 -10.03 -7.35
CA SER B 102 -10.21 -11.46 -7.01
C SER B 102 -8.85 -11.98 -6.48
N ASP B 103 -7.88 -12.08 -7.38
CA ASP B 103 -6.54 -12.55 -7.10
C ASP B 103 -5.95 -11.87 -5.88
N GLY B 104 -6.40 -10.64 -5.65
CA GLY B 104 -5.92 -9.88 -4.50
C GLY B 104 -6.59 -10.27 -3.18
N GLY B 105 -7.70 -11.00 -3.23
CA GLY B 105 -8.39 -11.38 -2.02
C GLY B 105 -9.27 -10.25 -1.50
N GLN B 106 -10.04 -9.66 -2.41
CA GLN B 106 -10.91 -8.60 -1.97
C GLN B 106 -12.32 -9.13 -1.95
N SER B 107 -12.99 -8.87 -0.83
CA SER B 107 -14.39 -9.22 -0.62
C SER B 107 -15.07 -7.86 -0.33
N VAL B 108 -14.38 -6.99 0.43
CA VAL B 108 -14.91 -5.66 0.73
C VAL B 108 -14.57 -4.66 -0.38
N TYR B 109 -15.54 -4.50 -1.28
CA TYR B 109 -15.46 -3.57 -2.39
C TYR B 109 -15.63 -2.04 -2.10
N HIS B 110 -14.59 -1.47 -1.50
CA HIS B 110 -14.51 -0.07 -1.14
C HIS B 110 -13.04 0.02 -0.70
N VAL B 111 -12.28 0.88 -1.40
CA VAL B 111 -10.86 1.10 -1.13
C VAL B 111 -10.49 1.15 0.36
N HIS B 112 -9.44 0.40 0.72
CA HIS B 112 -8.99 0.35 2.08
C HIS B 112 -7.58 -0.15 2.22
N LEU B 113 -6.83 0.65 2.95
CA LEU B 113 -5.47 0.39 3.29
C LEU B 113 -5.41 -0.45 4.61
N HIS B 114 -4.75 -1.62 4.55
CA HIS B 114 -4.58 -2.51 5.71
C HIS B 114 -3.29 -2.13 6.39
N VAL B 115 -3.27 -1.98 7.73
CA VAL B 115 -1.99 -1.73 8.45
C VAL B 115 -1.85 -2.84 9.50
N LEU B 116 -0.73 -3.57 9.51
CA LEU B 116 -0.52 -4.69 10.44
C LEU B 116 0.77 -4.57 11.19
N GLY B 117 0.76 -4.88 12.48
CA GLY B 117 1.95 -4.77 13.33
C GLY B 117 1.91 -5.64 14.60
N GLY B 118 2.92 -5.48 15.42
CA GLY B 118 2.95 -6.25 16.62
C GLY B 118 3.86 -7.43 16.41
N ARG B 119 3.61 -8.27 15.40
CA ARG B 119 4.48 -9.42 15.22
C ARG B 119 5.29 -9.23 13.99
N GLN B 120 6.24 -10.13 13.78
CA GLN B 120 7.08 -10.12 12.61
C GLN B 120 6.20 -10.57 11.46
N MET B 121 6.34 -9.84 10.36
CA MET B 121 5.59 -10.13 9.14
C MET B 121 6.54 -10.93 8.29
N HIS B 122 5.96 -11.94 7.65
CA HIS B 122 6.70 -12.86 6.80
C HIS B 122 6.67 -12.55 5.33
N TRP B 123 7.62 -13.13 4.60
CA TRP B 123 7.73 -12.93 3.16
C TRP B 123 7.59 -14.28 2.46
N PRO B 124 6.83 -14.36 1.36
CA PRO B 124 6.04 -13.39 0.62
C PRO B 124 4.83 -12.92 1.40
N PRO B 125 4.23 -11.75 1.03
CA PRO B 125 3.07 -11.26 1.77
C PRO B 125 1.82 -11.94 1.36
N GLY B 126 1.76 -13.27 1.53
CA GLY B 126 0.58 -14.02 1.12
C GLY B 126 0.79 -14.53 -0.32
#